data_5AOY
#
_entry.id   5AOY
#
_cell.length_a   101.630
_cell.length_b   114.030
_cell.length_c   54.010
_cell.angle_alpha   90.00
_cell.angle_beta   90.00
_cell.angle_gamma   90.00
#
_symmetry.space_group_name_H-M   'C 2 2 21'
#
loop_
_entity.id
_entity.type
_entity.pdbx_description
1 polymer 'ENDONUCLEASE V'
2 water water
#
_entity_poly.entity_id   1
_entity_poly.type   'polypeptide(L)'
_entity_poly.pdbx_seq_one_letter_code
;MAHTAAERPPEETLSLWKGEQARLKARVVDRDTEAWQRDPSFSGLQKVGGVAVSFVKGDSVRACASLVVLSYPELKVVYE
DSRMVGLKAPYVSGFLAFREVPFLVELVQRLQEKEPDLMPQVVLVDGNGVLHQRGFGVACHLGVLTELPCIGVAKKLLQV
DGLENNALHKEKIVLLQAGGDTFPLIGSSGTVLGMALRSHDHSTKPLYVSVGHRISLEVAVRLTHHCCRFRIPEPIRQAD
IRSREYIRRT
;
_entity_poly.pdbx_strand_id   A
#
# COMPACT_ATOMS: atom_id res chain seq x y z
N PRO A 9 -10.64 10.56 -26.23
CA PRO A 9 -9.92 9.74 -27.21
C PRO A 9 -9.34 8.51 -26.54
N PRO A 10 -10.17 7.50 -26.26
CA PRO A 10 -9.95 6.36 -25.34
C PRO A 10 -8.81 5.43 -25.76
N GLU A 11 -8.67 5.24 -27.07
CA GLU A 11 -7.62 4.40 -27.62
C GLU A 11 -6.27 5.08 -27.42
N GLU A 12 -6.25 6.39 -27.62
CA GLU A 12 -5.07 7.18 -27.33
C GLU A 12 -4.78 7.11 -25.83
N THR A 13 -5.83 7.32 -25.02
CA THR A 13 -5.68 7.30 -23.56
C THR A 13 -5.12 5.97 -23.05
N LEU A 14 -5.75 4.85 -23.42
CA LEU A 14 -5.25 3.55 -22.98
C LEU A 14 -3.83 3.27 -23.46
N SER A 15 -3.53 3.68 -24.69
CA SER A 15 -2.18 3.50 -25.23
C SER A 15 -1.18 4.32 -24.43
N LEU A 16 -1.57 5.52 -24.01
CA LEU A 16 -0.69 6.35 -23.20
C LEU A 16 -0.41 5.65 -21.88
N TRP A 17 -1.47 5.10 -21.29
CA TRP A 17 -1.39 4.44 -19.98
C TRP A 17 -0.50 3.21 -20.04
N LYS A 18 -0.61 2.45 -21.13
CA LYS A 18 0.23 1.27 -21.29
C LYS A 18 1.72 1.62 -21.34
N GLY A 19 2.04 2.72 -22.02
CA GLY A 19 3.41 3.21 -22.06
C GLY A 19 3.85 3.69 -20.68
N GLU A 20 2.96 4.37 -19.98
CA GLU A 20 3.27 4.89 -18.66
C GLU A 20 3.46 3.77 -17.65
N GLN A 21 2.66 2.72 -17.77
CA GLN A 21 2.82 1.56 -16.88
C GLN A 21 4.23 0.98 -17.00
N ALA A 22 4.71 0.83 -18.23
CA ALA A 22 6.06 0.29 -18.42
C ALA A 22 7.13 1.22 -17.86
N ARG A 23 6.99 2.52 -18.11
CA ARG A 23 7.98 3.51 -17.68
C ARG A 23 7.99 3.63 -16.15
N LEU A 24 6.80 3.70 -15.57
CA LEU A 24 6.69 3.85 -14.12
C LEU A 24 7.15 2.59 -13.38
N LYS A 25 6.84 1.42 -13.92
CA LYS A 25 7.28 0.17 -13.30
C LYS A 25 8.80 0.10 -13.20
N ALA A 26 9.47 0.58 -14.24
CA ALA A 26 10.93 0.59 -14.28
C ALA A 26 11.53 1.52 -13.22
N ARG A 27 10.71 2.40 -12.66
CA ARG A 27 11.17 3.36 -11.66
C ARG A 27 11.05 2.83 -10.22
N VAL A 28 10.38 1.71 -10.05
CA VAL A 28 10.22 1.12 -8.71
C VAL A 28 11.57 0.73 -8.09
N VAL A 29 11.78 1.20 -6.87
CA VAL A 29 13.01 0.91 -6.12
C VAL A 29 12.67 0.01 -4.95
N ASP A 30 13.32 -1.16 -4.85
CA ASP A 30 12.99 -2.09 -3.77
C ASP A 30 14.08 -2.21 -2.71
N ARG A 31 14.81 -1.12 -2.48
N ARG A 31 14.80 -1.13 -2.47
CA ARG A 31 15.76 -1.06 -1.40
CA ARG A 31 15.74 -1.09 -1.36
C ARG A 31 15.48 0.18 -0.56
C ARG A 31 15.44 0.16 -0.55
N ASP A 32 16.02 0.21 0.65
CA ASP A 32 15.80 1.34 1.55
C ASP A 32 16.57 2.56 1.08
N THR A 33 15.96 3.74 1.19
CA THR A 33 16.63 4.98 0.77
C THR A 33 16.77 5.98 1.90
N GLU A 34 16.18 5.69 3.06
CA GLU A 34 16.18 6.63 4.17
C GLU A 34 16.92 6.11 5.40
N ALA A 35 17.63 6.99 6.11
CA ALA A 35 18.35 6.57 7.31
C ALA A 35 17.48 5.88 8.34
N TRP A 36 16.25 6.37 8.54
CA TRP A 36 15.37 5.78 9.54
C TRP A 36 15.03 4.31 9.25
N GLN A 37 15.04 3.94 7.96
CA GLN A 37 14.72 2.58 7.56
C GLN A 37 15.82 1.60 7.94
N ARG A 38 17.05 2.10 8.07
CA ARG A 38 18.21 1.24 8.34
C ARG A 38 18.48 1.09 9.83
N ASP A 39 17.80 1.89 10.63
CA ASP A 39 17.93 1.81 12.09
C ASP A 39 17.01 0.70 12.59
N PRO A 40 17.52 -0.16 13.49
CA PRO A 40 16.73 -1.26 14.05
C PRO A 40 15.42 -0.83 14.74
N SER A 41 15.43 0.31 15.42
CA SER A 41 14.21 0.79 16.06
C SER A 41 13.53 1.89 15.24
N PHE A 42 13.93 2.02 13.97
CA PHE A 42 13.38 3.05 13.08
C PHE A 42 13.59 4.46 13.64
N SER A 43 14.73 4.70 14.26
CA SER A 43 15.01 6.02 14.83
C SER A 43 14.96 7.11 13.76
N GLY A 44 14.23 8.18 14.04
CA GLY A 44 14.01 9.23 13.07
C GLY A 44 12.64 9.17 12.41
N LEU A 45 11.94 8.04 12.57
CA LEU A 45 10.58 7.92 12.04
C LEU A 45 9.53 8.51 12.99
N GLN A 46 8.82 9.53 12.53
CA GLN A 46 7.84 10.24 13.36
C GLN A 46 6.42 10.26 12.78
N LYS A 47 6.30 10.02 11.48
CA LYS A 47 5.01 10.16 10.79
C LYS A 47 4.79 9.04 9.80
N VAL A 48 3.70 8.29 9.99
CA VAL A 48 3.35 7.19 9.08
CA VAL A 48 3.33 7.18 9.09
C VAL A 48 1.97 7.44 8.43
N GLY A 49 1.92 7.36 7.10
CA GLY A 49 0.68 7.64 6.41
C GLY A 49 -0.12 6.38 6.14
N GLY A 50 -1.42 6.54 5.91
CA GLY A 50 -2.28 5.46 5.49
C GLY A 50 -3.19 5.94 4.38
N VAL A 51 -3.37 5.08 3.37
CA VAL A 51 -4.26 5.39 2.26
C VAL A 51 -5.19 4.22 2.00
N ALA A 52 -6.46 4.51 1.76
CA ALA A 52 -7.46 3.50 1.39
C ALA A 52 -8.43 4.11 0.39
N VAL A 53 -8.89 3.29 -0.56
CA VAL A 53 -9.86 3.75 -1.57
C VAL A 53 -10.94 2.69 -1.77
N SER A 54 -12.19 3.13 -1.82
CA SER A 54 -13.32 2.27 -2.22
C SER A 54 -14.02 2.87 -3.44
N PHE A 55 -14.44 2.03 -4.38
CA PHE A 55 -15.14 2.55 -5.57
C PHE A 55 -16.65 2.36 -5.52
N VAL A 56 -17.38 3.23 -6.23
CA VAL A 56 -18.84 3.15 -6.38
C VAL A 56 -19.19 3.17 -7.87
N LYS A 57 -20.08 2.28 -8.30
CA LYS A 57 -20.53 2.28 -9.68
C LYS A 57 -21.52 3.42 -9.89
N GLY A 58 -21.74 3.81 -11.14
CA GLY A 58 -22.71 4.84 -11.46
C GLY A 58 -22.51 5.28 -12.90
N ASP A 59 -23.21 6.33 -13.34
CA ASP A 59 -22.98 6.91 -14.68
C ASP A 59 -21.50 7.23 -14.81
N SER A 60 -20.91 7.64 -13.70
CA SER A 60 -19.48 7.80 -13.58
C SER A 60 -19.05 6.96 -12.39
N VAL A 61 -17.89 6.33 -12.47
CA VAL A 61 -17.33 5.68 -11.30
C VAL A 61 -16.94 6.76 -10.29
N ARG A 62 -17.28 6.54 -9.03
CA ARG A 62 -16.78 7.40 -7.95
C ARG A 62 -15.79 6.70 -7.04
N ALA A 63 -14.83 7.46 -6.53
CA ALA A 63 -13.84 6.89 -5.61
C ALA A 63 -14.00 7.60 -4.29
N CYS A 64 -14.07 6.82 -3.21
CA CYS A 64 -14.03 7.36 -1.85
C CYS A 64 -12.65 7.04 -1.29
N ALA A 65 -11.84 8.09 -1.08
CA ALA A 65 -10.44 7.89 -0.72
C ALA A 65 -10.13 8.57 0.59
N SER A 66 -9.14 8.07 1.31
CA SER A 66 -8.73 8.74 2.55
C SER A 66 -7.22 8.67 2.66
N LEU A 67 -6.62 9.82 2.99
CA LEU A 67 -5.21 9.90 3.38
C LEU A 67 -5.18 10.36 4.83
N VAL A 68 -4.54 9.57 5.70
CA VAL A 68 -4.35 10.00 7.07
C VAL A 68 -2.86 9.95 7.38
N VAL A 69 -2.44 10.75 8.35
CA VAL A 69 -1.08 10.66 8.84
C VAL A 69 -1.16 10.42 10.34
N LEU A 70 -0.39 9.45 10.82
CA LEU A 70 -0.38 9.15 12.25
C LEU A 70 1.00 9.42 12.83
N SER A 71 1.05 9.79 14.10
CA SER A 71 2.31 9.91 14.79
C SER A 71 2.92 8.53 14.95
N TYR A 72 4.24 8.46 15.03
CA TYR A 72 4.89 7.18 15.27
C TYR A 72 5.94 7.13 16.35
N PRO A 73 5.55 6.59 17.51
CA PRO A 73 5.30 5.16 17.66
C PRO A 73 3.88 5.15 18.23
N GLU A 74 3.36 6.34 18.52
CA GLU A 74 2.09 6.49 19.26
C GLU A 74 0.83 6.13 18.48
N LEU A 75 0.90 6.21 17.14
CA LEU A 75 -0.21 5.82 16.26
C LEU A 75 -1.51 6.58 16.50
N LYS A 76 -1.40 7.90 16.65
CA LYS A 76 -2.58 8.74 16.80
C LYS A 76 -2.72 9.62 15.55
N VAL A 77 -3.95 9.85 15.11
CA VAL A 77 -4.17 10.62 13.88
C VAL A 77 -3.76 12.08 14.07
N VAL A 78 -2.84 12.57 13.23
CA VAL A 78 -2.41 13.98 13.29
C VAL A 78 -2.85 14.80 12.07
N TYR A 79 -3.27 14.11 11.02
CA TYR A 79 -3.79 14.75 9.80
C TYR A 79 -4.76 13.83 9.10
N GLU A 80 -5.80 14.40 8.49
CA GLU A 80 -6.68 13.60 7.66
C GLU A 80 -7.31 14.40 6.54
N ASP A 81 -7.48 13.74 5.40
CA ASP A 81 -8.14 14.34 4.25
C ASP A 81 -8.85 13.19 3.54
N SER A 82 -10.17 13.20 3.60
CA SER A 82 -10.95 12.12 3.01
C SER A 82 -11.95 12.71 2.04
N ARG A 83 -12.09 12.10 0.87
CA ARG A 83 -12.89 12.71 -0.19
C ARG A 83 -13.64 11.72 -1.06
N MET A 84 -14.71 12.20 -1.70
CA MET A 84 -15.38 11.45 -2.76
C MET A 84 -15.46 12.28 -4.03
N VAL A 85 -14.96 11.72 -5.12
CA VAL A 85 -15.01 12.40 -6.42
C VAL A 85 -15.38 11.41 -7.51
N GLY A 86 -15.79 11.94 -8.65
CA GLY A 86 -15.99 11.11 -9.83
C GLY A 86 -14.67 10.92 -10.54
N LEU A 87 -14.47 9.73 -11.11
CA LEU A 87 -13.30 9.49 -11.94
C LEU A 87 -13.74 9.44 -13.41
N LYS A 88 -12.88 9.91 -14.30
CA LYS A 88 -13.25 10.04 -15.71
C LYS A 88 -13.04 8.75 -16.48
N ALA A 89 -13.97 8.43 -17.38
CA ALA A 89 -13.76 7.37 -18.37
C ALA A 89 -12.48 7.66 -19.16
N PRO A 90 -11.87 6.62 -19.78
CA PRO A 90 -12.28 5.22 -19.90
C PRO A 90 -11.94 4.38 -18.67
N TYR A 91 -12.86 3.49 -18.32
CA TYR A 91 -12.63 2.51 -17.27
C TYR A 91 -12.19 1.22 -17.95
N VAL A 92 -10.94 0.83 -17.70
CA VAL A 92 -10.33 -0.32 -18.37
C VAL A 92 -9.75 -1.23 -17.31
N SER A 93 -10.08 -2.52 -17.35
CA SER A 93 -9.55 -3.48 -16.38
C SER A 93 -8.03 -3.55 -16.42
N GLY A 94 -7.41 -3.42 -15.24
CA GLY A 94 -5.97 -3.38 -15.15
C GLY A 94 -5.43 -1.96 -15.17
N PHE A 95 -6.30 -0.99 -15.43
CA PHE A 95 -5.87 0.41 -15.56
C PHE A 95 -6.71 1.42 -14.80
N LEU A 96 -7.58 0.96 -13.90
CA LEU A 96 -8.32 1.90 -13.06
C LEU A 96 -7.39 2.77 -12.23
N ALA A 97 -6.22 2.22 -11.86
CA ALA A 97 -5.20 2.96 -11.12
C ALA A 97 -4.75 4.22 -11.85
N PHE A 98 -4.86 4.24 -13.18
CA PHE A 98 -4.42 5.42 -13.92
C PHE A 98 -5.40 6.58 -13.82
N ARG A 99 -6.57 6.32 -13.26
CA ARG A 99 -7.47 7.39 -12.81
C ARG A 99 -7.40 7.56 -11.29
N GLU A 100 -7.32 6.45 -10.58
CA GLU A 100 -7.31 6.46 -9.10
C GLU A 100 -6.03 7.08 -8.51
N VAL A 101 -4.87 6.69 -9.02
CA VAL A 101 -3.64 7.12 -8.37
C VAL A 101 -3.38 8.64 -8.48
N PRO A 102 -3.63 9.25 -9.67
CA PRO A 102 -3.50 10.71 -9.73
C PRO A 102 -4.39 11.44 -8.73
N PHE A 103 -5.55 10.88 -8.39
CA PHE A 103 -6.40 11.47 -7.35
C PHE A 103 -5.70 11.36 -6.00
N LEU A 104 -5.08 10.21 -5.73
CA LEU A 104 -4.34 10.05 -4.49
C LEU A 104 -3.15 11.02 -4.43
N VAL A 105 -2.48 11.23 -5.56
CA VAL A 105 -1.38 12.21 -5.65
C VAL A 105 -1.88 13.62 -5.27
N GLU A 106 -3.10 13.94 -5.70
CA GLU A 106 -3.69 15.24 -5.38
C GLU A 106 -3.84 15.40 -3.87
N LEU A 107 -4.22 14.34 -3.17
CA LEU A 107 -4.32 14.38 -1.71
C LEU A 107 -2.95 14.69 -1.11
N VAL A 108 -1.92 14.01 -1.59
CA VAL A 108 -0.57 14.23 -1.07
C VAL A 108 -0.13 15.66 -1.34
N GLN A 109 -0.43 16.17 -2.53
CA GLN A 109 -0.04 17.54 -2.87
C GLN A 109 -0.76 18.54 -2.00
N ARG A 110 -2.01 18.27 -1.65
CA ARG A 110 -2.75 19.20 -0.81
C ARG A 110 -2.15 19.23 0.59
N LEU A 111 -1.72 18.07 1.08
CA LEU A 111 -1.04 17.99 2.38
C LEU A 111 0.26 18.80 2.34
N GLN A 112 1.02 18.68 1.25
CA GLN A 112 2.29 19.40 1.16
C GLN A 112 2.04 20.90 1.21
N GLU A 113 0.96 21.33 0.59
CA GLU A 113 0.61 22.75 0.52
C GLU A 113 0.04 23.27 1.84
N LYS A 114 -0.82 22.50 2.48
CA LYS A 114 -1.53 23.00 3.65
C LYS A 114 -0.87 22.75 5.00
N GLU A 115 -0.25 21.57 5.15
N GLU A 115 -0.25 21.58 5.17
CA GLU A 115 0.43 21.21 6.40
CA GLU A 115 0.43 21.26 6.42
C GLU A 115 1.74 20.47 6.12
C GLU A 115 1.72 20.49 6.13
N PRO A 116 2.71 21.15 5.49
CA PRO A 116 3.94 20.48 5.05
C PRO A 116 4.73 19.77 6.16
N ASP A 117 4.63 20.24 7.39
CA ASP A 117 5.32 19.58 8.49
C ASP A 117 4.73 18.22 8.85
N LEU A 118 3.54 17.91 8.34
CA LEU A 118 2.91 16.61 8.62
C LEU A 118 2.97 15.64 7.46
N MET A 119 3.85 15.88 6.49
CA MET A 119 4.04 14.94 5.39
C MET A 119 4.51 13.59 5.94
N PRO A 120 3.89 12.48 5.50
CA PRO A 120 4.33 11.19 6.03
C PRO A 120 5.71 10.82 5.52
N GLN A 121 6.44 10.01 6.30
CA GLN A 121 7.76 9.56 5.88
C GLN A 121 7.68 8.22 5.15
N VAL A 122 6.51 7.60 5.25
CA VAL A 122 6.24 6.33 4.57
C VAL A 122 4.73 6.20 4.56
N VAL A 123 4.19 5.55 3.54
CA VAL A 123 2.75 5.37 3.42
C VAL A 123 2.39 3.90 3.37
N LEU A 124 1.52 3.50 4.28
CA LEU A 124 0.94 2.16 4.23
C LEU A 124 -0.33 2.22 3.37
N VAL A 125 -0.33 1.47 2.26
CA VAL A 125 -1.43 1.50 1.30
C VAL A 125 -2.27 0.24 1.43
N ASP A 126 -3.58 0.42 1.56
CA ASP A 126 -4.51 -0.71 1.60
C ASP A 126 -4.63 -1.19 0.16
N GLY A 127 -3.81 -2.18 -0.20
CA GLY A 127 -3.74 -2.62 -1.58
C GLY A 127 -2.41 -3.27 -1.91
N ASN A 128 -2.15 -3.49 -3.20
CA ASN A 128 -0.99 -4.27 -3.62
C ASN A 128 0.27 -3.46 -3.93
N GLY A 129 1.43 -4.04 -3.61
CA GLY A 129 2.72 -3.49 -4.03
C GLY A 129 3.21 -4.24 -5.25
N VAL A 130 4.47 -4.69 -5.22
CA VAL A 130 5.02 -5.44 -6.36
C VAL A 130 4.38 -6.81 -6.47
N LEU A 131 3.73 -7.27 -5.41
CA LEU A 131 2.99 -8.52 -5.47
C LEU A 131 1.67 -8.20 -6.16
N HIS A 132 1.70 -8.29 -7.49
CA HIS A 132 0.67 -7.72 -8.36
C HIS A 132 0.77 -8.42 -9.71
N GLN A 133 -0.35 -8.46 -10.46
CA GLN A 133 -0.41 -9.10 -11.77
C GLN A 133 0.72 -8.67 -12.72
N ARG A 134 1.11 -7.40 -12.64
CA ARG A 134 2.15 -6.86 -13.50
C ARG A 134 3.32 -6.29 -12.70
N GLY A 135 3.40 -6.65 -11.42
CA GLY A 135 4.49 -6.16 -10.57
C GLY A 135 4.44 -4.66 -10.36
N PHE A 136 3.26 -4.07 -10.47
CA PHE A 136 3.11 -2.63 -10.32
C PHE A 136 1.75 -2.30 -9.74
N GLY A 137 1.56 -2.62 -8.47
CA GLY A 137 0.30 -2.34 -7.80
C GLY A 137 0.13 -0.90 -7.37
N VAL A 138 -1.02 -0.59 -6.77
CA VAL A 138 -1.32 0.80 -6.39
C VAL A 138 -0.27 1.41 -5.48
N ALA A 139 0.28 0.63 -4.55
CA ALA A 139 1.33 1.16 -3.68
C ALA A 139 2.59 1.54 -4.47
N CYS A 140 2.93 0.78 -5.50
CA CYS A 140 4.09 1.12 -6.34
C CYS A 140 3.81 2.39 -7.11
N HIS A 141 2.59 2.48 -7.61
CA HIS A 141 2.17 3.55 -8.49
C HIS A 141 2.15 4.86 -7.71
N LEU A 142 1.57 4.83 -6.52
CA LEU A 142 1.59 6.02 -5.66
C LEU A 142 3.02 6.38 -5.28
N GLY A 143 3.84 5.38 -4.97
CA GLY A 143 5.21 5.64 -4.58
C GLY A 143 6.04 6.34 -5.64
N VAL A 144 6.00 5.83 -6.87
CA VAL A 144 6.84 6.43 -7.91
C VAL A 144 6.39 7.83 -8.32
N LEU A 145 5.10 8.12 -8.17
CA LEU A 145 4.60 9.46 -8.51
C LEU A 145 4.81 10.51 -7.41
N THR A 146 5.11 10.06 -6.19
CA THR A 146 5.31 10.99 -5.07
C THR A 146 6.73 10.94 -4.54
N GLU A 147 7.48 9.94 -4.98
CA GLU A 147 8.79 9.60 -4.40
C GLU A 147 8.75 9.33 -2.88
N LEU A 148 7.57 9.04 -2.33
CA LEU A 148 7.47 8.64 -0.92
C LEU A 148 7.63 7.14 -0.80
N PRO A 149 8.34 6.69 0.25
CA PRO A 149 8.37 5.25 0.54
C PRO A 149 6.94 4.74 0.76
N CYS A 150 6.62 3.61 0.13
CA CYS A 150 5.27 3.05 0.20
C CYS A 150 5.32 1.56 0.40
N ILE A 151 4.31 1.04 1.09
CA ILE A 151 4.23 -0.38 1.35
C ILE A 151 2.85 -0.83 0.91
N GLY A 152 2.78 -1.94 0.20
CA GLY A 152 1.48 -2.52 -0.15
C GLY A 152 1.03 -3.55 0.88
N VAL A 153 -0.04 -3.25 1.59
CA VAL A 153 -0.57 -4.16 2.60
C VAL A 153 -1.89 -4.75 2.10
N ALA A 154 -1.85 -6.00 1.68
CA ALA A 154 -3.01 -6.63 1.08
C ALA A 154 -3.68 -7.57 2.07
N LYS A 155 -5.00 -7.68 2.00
CA LYS A 155 -5.75 -8.52 2.93
C LYS A 155 -5.95 -9.93 2.39
N LYS A 156 -5.73 -10.11 1.08
CA LYS A 156 -5.87 -11.41 0.44
C LYS A 156 -4.62 -11.73 -0.35
N LEU A 157 -4.34 -13.02 -0.53
CA LEU A 157 -3.19 -13.44 -1.33
C LEU A 157 -3.51 -13.26 -2.81
N LEU A 158 -2.66 -12.52 -3.51
CA LEU A 158 -2.83 -12.28 -4.94
C LEU A 158 -2.28 -13.48 -5.71
N GLN A 159 -3.08 -14.07 -6.60
CA GLN A 159 -2.66 -15.21 -7.39
C GLN A 159 -1.79 -14.81 -8.57
N VAL A 160 -0.50 -14.65 -8.35
CA VAL A 160 0.41 -14.36 -9.45
C VAL A 160 1.67 -15.20 -9.29
N ASP A 161 2.31 -15.50 -10.41
CA ASP A 161 3.59 -16.21 -10.41
C ASP A 161 3.48 -17.51 -9.61
N GLY A 162 2.38 -18.22 -9.78
CA GLY A 162 2.21 -19.52 -9.15
C GLY A 162 1.77 -19.54 -7.69
N LEU A 163 1.61 -18.37 -7.09
CA LEU A 163 1.13 -18.33 -5.71
C LEU A 163 -0.31 -18.81 -5.68
N GLU A 164 -0.62 -19.72 -4.75
CA GLU A 164 -1.95 -20.31 -4.63
C GLU A 164 -2.34 -20.39 -3.17
N ASN A 165 -3.60 -20.11 -2.87
CA ASN A 165 -4.14 -20.38 -1.55
C ASN A 165 -4.51 -21.86 -1.48
N ASN A 166 -3.49 -22.71 -1.47
CA ASN A 166 -3.72 -24.16 -1.43
C ASN A 166 -3.52 -24.75 -0.02
N ALA A 167 -3.48 -26.08 0.07
CA ALA A 167 -3.35 -26.74 1.37
C ALA A 167 -2.07 -26.35 2.12
N LEU A 168 -0.96 -26.30 1.39
CA LEU A 168 0.33 -25.95 2.02
C LEU A 168 0.33 -24.51 2.48
N HIS A 169 -0.23 -23.62 1.65
CA HIS A 169 -0.35 -22.22 2.05
C HIS A 169 -1.15 -22.10 3.34
N LYS A 170 -2.29 -22.77 3.39
CA LYS A 170 -3.12 -22.74 4.58
C LYS A 170 -2.43 -23.34 5.78
N GLU A 171 -1.62 -24.38 5.56
CA GLU A 171 -0.85 -24.97 6.67
C GLU A 171 0.19 -23.98 7.21
N LYS A 172 0.86 -23.27 6.31
CA LYS A 172 1.84 -22.27 6.75
C LYS A 172 1.19 -21.18 7.58
N ILE A 173 -0.05 -20.84 7.25
CA ILE A 173 -0.77 -19.82 8.02
C ILE A 173 -1.02 -20.31 9.45
N VAL A 174 -1.46 -21.57 9.59
CA VAL A 174 -1.66 -22.15 10.91
C VAL A 174 -0.36 -22.12 11.72
N LEU A 175 0.77 -22.33 11.06
CA LEU A 175 2.07 -22.33 11.73
C LEU A 175 2.59 -20.93 12.10
N LEU A 176 1.90 -19.87 11.66
CA LEU A 176 2.16 -18.54 12.18
C LEU A 176 1.50 -18.47 13.54
N GLN A 177 2.29 -18.58 14.59
CA GLN A 177 1.72 -18.81 15.91
C GLN A 177 1.53 -17.56 16.75
N ALA A 178 2.29 -16.51 16.46
CA ALA A 178 2.24 -15.30 17.26
C ALA A 178 2.35 -14.07 16.36
N GLY A 179 1.89 -12.93 16.86
CA GLY A 179 2.09 -11.67 16.14
C GLY A 179 3.54 -11.48 15.76
N GLY A 180 3.79 -11.09 14.52
CA GLY A 180 5.16 -10.87 14.06
C GLY A 180 5.73 -12.02 13.24
N ASP A 181 5.20 -13.22 13.43
CA ASP A 181 5.64 -14.38 12.64
C ASP A 181 5.36 -14.17 11.16
N THR A 182 6.26 -14.67 10.32
CA THR A 182 6.12 -14.50 8.87
C THR A 182 6.45 -15.78 8.12
N PHE A 183 6.01 -15.84 6.87
CA PHE A 183 6.58 -16.77 5.88
C PHE A 183 6.67 -16.10 4.52
N PRO A 184 7.72 -16.42 3.75
CA PRO A 184 7.91 -15.77 2.45
C PRO A 184 6.93 -16.24 1.38
N LEU A 185 6.55 -15.31 0.51
CA LEU A 185 5.71 -15.65 -0.64
C LEU A 185 6.62 -15.77 -1.86
N ILE A 186 6.85 -16.99 -2.30
CA ILE A 186 7.88 -17.25 -3.30
C ILE A 186 7.23 -17.72 -4.58
N GLY A 187 7.52 -17.04 -5.68
CA GLY A 187 6.90 -17.36 -6.95
C GLY A 187 7.52 -18.58 -7.60
N SER A 188 6.92 -19.03 -8.69
CA SER A 188 7.44 -20.14 -9.50
C SER A 188 8.84 -19.83 -10.00
N SER A 189 9.09 -18.54 -10.24
CA SER A 189 10.39 -18.05 -10.66
C SER A 189 11.44 -18.21 -9.55
N GLY A 190 10.98 -18.38 -8.32
CA GLY A 190 11.89 -18.46 -7.18
C GLY A 190 12.07 -17.11 -6.52
N THR A 191 11.43 -16.08 -7.09
CA THR A 191 11.52 -14.72 -6.57
C THR A 191 10.71 -14.56 -5.29
N VAL A 192 11.26 -13.92 -4.28
CA VAL A 192 10.47 -13.57 -3.10
C VAL A 192 9.65 -12.32 -3.43
N LEU A 193 8.33 -12.48 -3.53
CA LEU A 193 7.45 -11.39 -3.97
C LEU A 193 6.91 -10.59 -2.80
N GLY A 194 6.91 -11.20 -1.62
CA GLY A 194 6.31 -10.56 -0.46
C GLY A 194 6.37 -11.49 0.73
N MET A 195 5.72 -11.11 1.80
CA MET A 195 5.68 -11.94 2.99
CA MET A 195 5.68 -11.93 3.01
C MET A 195 4.27 -12.02 3.54
N ALA A 196 3.90 -13.20 4.03
CA ALA A 196 2.68 -13.32 4.79
C ALA A 196 3.06 -12.99 6.25
N LEU A 197 2.26 -12.14 6.88
CA LEU A 197 2.54 -11.68 8.23
C LEU A 197 1.35 -11.90 9.14
N ARG A 198 1.54 -12.62 10.24
CA ARG A 198 0.52 -12.59 11.28
C ARG A 198 0.70 -11.27 12.05
N SER A 199 -0.24 -10.35 11.87
CA SER A 199 0.02 -8.98 12.30
C SER A 199 -0.25 -8.74 13.77
N HIS A 200 -1.00 -9.64 14.40
CA HIS A 200 -1.44 -9.41 15.77
C HIS A 200 -1.82 -10.73 16.41
N ASP A 201 -1.61 -10.86 17.72
CA ASP A 201 -1.98 -12.11 18.39
C ASP A 201 -3.47 -12.43 18.29
N HIS A 202 -4.31 -11.40 18.16
CA HIS A 202 -5.75 -11.60 18.18
C HIS A 202 -6.29 -12.25 16.92
N SER A 203 -5.59 -12.08 15.81
CA SER A 203 -6.14 -12.56 14.55
C SER A 203 -5.32 -13.71 13.98
N THR A 204 -6.01 -14.64 13.35
CA THR A 204 -5.33 -15.75 12.71
C THR A 204 -5.18 -15.53 11.20
N LYS A 205 -5.76 -14.43 10.71
CA LYS A 205 -5.72 -14.13 9.28
C LYS A 205 -4.56 -13.20 8.96
N PRO A 206 -3.68 -13.63 8.05
CA PRO A 206 -2.45 -12.86 7.81
C PRO A 206 -2.69 -11.64 6.93
N LEU A 207 -1.71 -10.73 6.95
CA LEU A 207 -1.65 -9.67 5.94
C LEU A 207 -0.60 -10.11 4.94
N TYR A 208 -0.74 -9.66 3.70
CA TYR A 208 0.23 -10.00 2.67
C TYR A 208 0.95 -8.72 2.27
N VAL A 209 2.22 -8.61 2.68
CA VAL A 209 2.99 -7.38 2.55
C VAL A 209 3.97 -7.47 1.39
N SER A 210 4.03 -6.43 0.55
CA SER A 210 5.08 -6.36 -0.46
C SER A 210 5.53 -4.92 -0.61
N VAL A 211 6.72 -4.73 -1.16
CA VAL A 211 7.28 -3.39 -1.38
C VAL A 211 6.40 -2.58 -2.32
N GLY A 212 6.15 -1.32 -1.98
CA GLY A 212 5.60 -0.38 -2.94
C GLY A 212 6.75 0.36 -3.62
N HIS A 213 7.53 1.11 -2.85
CA HIS A 213 8.62 1.91 -3.43
C HIS A 213 9.53 2.41 -2.32
N ARG A 214 10.83 2.42 -2.58
N ARG A 214 10.82 2.44 -2.63
CA ARG A 214 11.82 3.04 -1.69
CA ARG A 214 11.86 2.98 -1.74
C ARG A 214 11.82 2.43 -0.28
C ARG A 214 11.81 2.43 -0.31
N ILE A 215 11.66 1.11 -0.22
CA ILE A 215 11.75 0.42 1.05
C ILE A 215 12.12 -1.01 0.70
N SER A 216 12.82 -1.70 1.59
CA SER A 216 13.10 -3.11 1.38
C SER A 216 11.98 -3.95 1.99
N LEU A 217 11.86 -5.21 1.56
CA LEU A 217 10.78 -6.06 2.05
C LEU A 217 10.85 -6.29 3.57
N GLU A 218 12.05 -6.58 4.09
CA GLU A 218 12.22 -6.81 5.54
C GLU A 218 11.75 -5.62 6.37
N VAL A 219 12.16 -4.43 5.95
CA VAL A 219 11.80 -3.21 6.66
C VAL A 219 10.29 -2.97 6.55
N ALA A 220 9.72 -3.20 5.36
CA ALA A 220 8.28 -3.00 5.15
C ALA A 220 7.44 -3.90 6.09
N VAL A 221 7.85 -5.16 6.20
CA VAL A 221 7.12 -6.10 7.04
C VAL A 221 7.23 -5.74 8.53
N ARG A 222 8.44 -5.40 8.97
CA ARG A 222 8.64 -5.01 10.37
C ARG A 222 7.89 -3.74 10.74
N LEU A 223 7.92 -2.74 9.85
CA LEU A 223 7.20 -1.51 10.12
C LEU A 223 5.71 -1.77 10.15
N THR A 224 5.22 -2.57 9.19
CA THR A 224 3.79 -2.91 9.17
C THR A 224 3.34 -3.51 10.50
N HIS A 225 4.10 -4.48 10.98
CA HIS A 225 3.81 -5.13 12.27
C HIS A 225 3.77 -4.12 13.42
N HIS A 226 4.76 -3.22 13.44
CA HIS A 226 4.84 -2.20 14.48
C HIS A 226 3.71 -1.17 14.43
N CYS A 227 2.96 -1.13 13.34
CA CYS A 227 1.83 -0.20 13.22
C CYS A 227 0.51 -0.84 13.58
N CYS A 228 0.57 -2.09 14.04
CA CYS A 228 -0.63 -2.87 14.30
C CYS A 228 -1.01 -2.92 15.76
N ARG A 229 -1.78 -1.92 16.19
CA ARG A 229 -2.42 -1.95 17.51
C ARG A 229 -3.53 -3.02 17.47
N PHE A 230 -4.19 -3.14 16.32
CA PHE A 230 -5.16 -4.20 16.07
C PHE A 230 -4.69 -4.96 14.82
N ARG A 231 -5.50 -5.88 14.29
CA ARG A 231 -5.08 -6.69 13.14
C ARG A 231 -4.68 -5.85 11.92
N ILE A 232 -5.49 -4.84 11.62
CA ILE A 232 -5.22 -3.98 10.48
C ILE A 232 -4.31 -2.84 10.94
N PRO A 233 -3.22 -2.58 10.21
CA PRO A 233 -2.29 -1.53 10.64
C PRO A 233 -3.01 -0.22 10.85
N GLU A 234 -2.70 0.47 11.94
CA GLU A 234 -3.50 1.61 12.37
C GLU A 234 -3.71 2.71 11.29
N PRO A 235 -2.67 3.04 10.48
CA PRO A 235 -2.94 4.06 9.46
C PRO A 235 -3.97 3.58 8.43
N ILE A 236 -3.91 2.32 8.02
CA ILE A 236 -4.91 1.77 7.11
C ILE A 236 -6.27 1.64 7.77
N ARG A 237 -6.29 1.23 9.04
CA ARG A 237 -7.56 1.05 9.74
C ARG A 237 -8.29 2.39 9.78
N GLN A 238 -7.55 3.45 10.07
CA GLN A 238 -8.13 4.80 10.14
C GLN A 238 -8.58 5.32 8.77
N ALA A 239 -7.78 5.09 7.74
CA ALA A 239 -8.18 5.44 6.38
C ALA A 239 -9.39 4.63 5.93
N ASP A 240 -9.46 3.36 6.32
CA ASP A 240 -10.59 2.50 5.96
C ASP A 240 -11.89 3.04 6.53
N ILE A 241 -11.84 3.44 7.79
CA ILE A 241 -13.04 3.94 8.46
C ILE A 241 -13.60 5.13 7.68
N ARG A 242 -12.69 6.00 7.23
CA ARG A 242 -13.06 7.26 6.57
C ARG A 242 -13.44 7.07 5.11
N SER A 243 -13.04 5.96 4.51
CA SER A 243 -13.40 5.71 3.12
C SER A 243 -14.56 4.74 3.01
N ARG A 244 -15.02 4.25 4.16
CA ARG A 244 -16.30 3.57 4.23
C ARG A 244 -17.38 4.59 4.61
N GLU A 245 -16.99 5.63 5.35
CA GLU A 245 -17.93 6.69 5.73
C GLU A 245 -18.55 7.29 4.46
N TYR A 246 -17.72 7.53 3.45
CA TYR A 246 -18.22 8.11 2.21
C TYR A 246 -18.99 7.11 1.36
N ILE A 247 -18.69 5.83 1.53
CA ILE A 247 -19.49 4.81 0.84
C ILE A 247 -20.92 4.82 1.37
#